data_4YFJ
#
_entry.id   4YFJ
#
_cell.length_a   77.024
_cell.length_b   77.024
_cell.length_c   128.660
_cell.angle_alpha   90.00
_cell.angle_beta   90.00
_cell.angle_gamma   90.00
#
_symmetry.space_group_name_H-M   'P 41 21 2'
#
loop_
_entity.id
_entity.type
_entity.pdbx_description
1 polymer "Aminoglycoside 3'-N-acetyltransferase"
2 non-polymer 'SULFATE ION'
3 water water
#
_entity_poly.entity_id   1
_entity_poly.type   'polypeptide(L)'
_entity_poly.pdbx_seq_one_letter_code
;MLWSSNDVTQQGSRPKTKLGGSMSIIATVKIGPDEISAMRAVLDLFGKEFEDIPTYSDRQPTNEYLANLLHSETFIALAA
FDRGTAIGGLAAYVLPKFEQARSEIYIYDLAVASSHRRLGVATALISHLKRVAVELGAYVIYVQADYGDDPAVALYTKLG
VREDVMHFDIDPRTATHHHHHH
;
_entity_poly.pdbx_strand_id   A,B
#
loop_
_chem_comp.id
_chem_comp.type
_chem_comp.name
_chem_comp.formula
SO4 non-polymer 'SULFATE ION' 'O4 S -2'
#
# COMPACT_ATOMS: atom_id res chain seq x y z
N SER A 24 -7.75 -19.38 26.11
CA SER A 24 -8.47 -18.44 25.26
C SER A 24 -8.26 -18.75 23.78
N ILE A 25 -9.23 -19.46 23.19
CA ILE A 25 -9.16 -19.85 21.79
C ILE A 25 -9.92 -18.87 20.91
N ILE A 26 -9.20 -17.91 20.34
CA ILE A 26 -9.83 -16.84 19.56
C ILE A 26 -10.28 -17.32 18.19
N ALA A 27 -11.55 -17.08 17.88
CA ALA A 27 -12.10 -17.42 16.57
C ALA A 27 -12.06 -16.20 15.66
N THR A 28 -11.47 -16.36 14.48
CA THR A 28 -11.43 -15.29 13.51
C THR A 28 -12.30 -15.65 12.32
N VAL A 29 -12.66 -14.64 11.54
CA VAL A 29 -13.55 -14.84 10.42
C VAL A 29 -13.15 -13.87 9.32
N LYS A 30 -13.25 -14.31 8.07
CA LYS A 30 -13.03 -13.43 6.94
C LYS A 30 -14.36 -12.83 6.54
N ILE A 31 -14.47 -11.52 6.68
CA ILE A 31 -15.71 -10.83 6.36
C ILE A 31 -15.97 -10.78 4.85
N GLY A 32 -17.15 -11.22 4.45
CA GLY A 32 -17.54 -11.21 3.05
C GLY A 32 -18.46 -10.04 2.73
N PRO A 33 -18.76 -9.86 1.43
CA PRO A 33 -19.59 -8.75 0.95
C PRO A 33 -21.03 -8.80 1.46
N ASP A 34 -21.46 -9.97 1.91
CA ASP A 34 -22.82 -10.14 2.44
C ASP A 34 -22.85 -9.94 3.95
N GLU A 35 -21.80 -9.32 4.49
CA GLU A 35 -21.68 -9.10 5.93
C GLU A 35 -21.29 -7.66 6.23
N ILE A 36 -22.06 -6.72 5.69
CA ILE A 36 -21.78 -5.29 5.85
C ILE A 36 -21.80 -4.87 7.32
N SER A 37 -22.75 -5.41 8.09
CA SER A 37 -22.91 -5.04 9.48
C SER A 37 -21.67 -5.41 10.30
N ALA A 38 -21.15 -6.61 10.09
CA ALA A 38 -19.92 -7.03 10.74
C ALA A 38 -18.76 -6.11 10.32
N MET A 39 -18.77 -5.67 9.07
CA MET A 39 -17.72 -4.76 8.59
C MET A 39 -17.83 -3.40 9.29
N ARG A 40 -19.04 -2.86 9.38
CA ARG A 40 -19.25 -1.59 10.09
C ARG A 40 -18.87 -1.70 11.57
N ALA A 41 -19.11 -2.87 12.17
CA ALA A 41 -18.72 -3.08 13.56
C ALA A 41 -17.21 -3.02 13.71
N VAL A 42 -16.50 -3.59 12.74
CA VAL A 42 -15.04 -3.52 12.71
C VAL A 42 -14.56 -2.07 12.56
N LEU A 43 -15.18 -1.34 11.66
CA LEU A 43 -14.87 0.07 11.48
C LEU A 43 -15.06 0.82 12.80
N ASP A 44 -16.19 0.60 13.46
CA ASP A 44 -16.44 1.21 14.77
C ASP A 44 -15.36 0.82 15.80
N LEU A 45 -14.90 -0.43 15.75
CA LEU A 45 -13.81 -0.86 16.62
C LEU A 45 -12.55 -0.04 16.38
N PHE A 46 -12.22 0.17 15.10
CA PHE A 46 -11.05 0.98 14.73
C PHE A 46 -11.14 2.39 15.32
N GLY A 47 -12.29 3.03 15.14
CA GLY A 47 -12.48 4.39 15.62
C GLY A 47 -12.29 4.52 17.11
N LYS A 48 -12.79 3.54 17.85
CA LYS A 48 -12.68 3.55 19.30
C LYS A 48 -11.24 3.31 19.77
N GLU A 49 -10.59 2.28 19.25
CA GLU A 49 -9.23 1.95 19.70
C GLU A 49 -8.20 2.95 19.18
N PHE A 50 -8.42 3.52 18.01
CA PHE A 50 -7.49 4.53 17.48
C PHE A 50 -7.86 5.93 17.96
N GLU A 51 -8.91 6.02 18.79
CA GLU A 51 -9.39 7.29 19.32
C GLU A 51 -9.67 8.29 18.19
N ASP A 52 -10.44 7.85 17.20
CA ASP A 52 -10.75 8.67 16.05
C ASP A 52 -12.11 8.26 15.50
N ILE A 53 -13.11 8.36 16.36
CA ILE A 53 -14.47 7.94 16.03
C ILE A 53 -15.05 8.58 14.75
N PRO A 54 -14.94 9.91 14.57
CA PRO A 54 -15.53 10.47 13.35
C PRO A 54 -14.96 9.88 12.06
N THR A 55 -13.64 9.68 12.00
CA THR A 55 -12.99 9.15 10.81
C THR A 55 -13.51 7.77 10.44
N TYR A 56 -13.79 6.94 11.44
CA TYR A 56 -14.13 5.55 11.20
C TYR A 56 -15.61 5.21 11.38
N SER A 57 -16.35 6.08 12.06
CA SER A 57 -17.76 5.78 12.36
C SER A 57 -18.74 6.72 11.69
N ASP A 58 -18.38 7.99 11.57
CA ASP A 58 -19.33 9.01 11.15
C ASP A 58 -19.25 9.39 9.67
N ARG A 59 -18.34 8.75 8.94
CA ARG A 59 -18.16 9.05 7.53
C ARG A 59 -18.10 7.79 6.67
N GLN A 60 -18.81 6.76 7.11
CA GLN A 60 -18.72 5.43 6.52
C GLN A 60 -19.32 5.35 5.12
N PRO A 61 -18.80 4.43 4.29
CA PRO A 61 -19.28 4.22 2.92
C PRO A 61 -20.66 3.60 2.86
N THR A 62 -21.26 3.63 1.68
CA THR A 62 -22.55 3.00 1.45
C THR A 62 -22.44 1.48 1.54
N ASN A 63 -23.59 0.81 1.63
CA ASN A 63 -23.63 -0.65 1.59
C ASN A 63 -22.97 -1.19 0.33
N GLU A 64 -23.29 -0.57 -0.81
CA GLU A 64 -22.78 -1.00 -2.10
C GLU A 64 -21.26 -0.88 -2.20
N TYR A 65 -20.73 0.23 -1.70
CA TYR A 65 -19.29 0.47 -1.74
C TYR A 65 -18.57 -0.60 -0.92
N LEU A 66 -19.11 -0.89 0.26
CA LEU A 66 -18.49 -1.87 1.12
C LEU A 66 -18.62 -3.27 0.50
N ALA A 67 -19.80 -3.55 -0.07
CA ALA A 67 -20.00 -4.83 -0.74
C ALA A 67 -19.01 -5.01 -1.90
N ASN A 68 -18.81 -3.96 -2.68
CA ASN A 68 -17.87 -4.03 -3.80
C ASN A 68 -16.42 -4.17 -3.34
N LEU A 69 -16.04 -3.41 -2.31
CA LEU A 69 -14.70 -3.48 -1.75
C LEU A 69 -14.42 -4.89 -1.17
N LEU A 70 -15.38 -5.44 -0.45
CA LEU A 70 -15.20 -6.76 0.15
C LEU A 70 -15.19 -7.86 -0.92
N HIS A 71 -15.83 -7.58 -2.06
CA HIS A 71 -15.87 -8.55 -3.15
C HIS A 71 -14.55 -8.56 -3.91
N SER A 72 -13.77 -7.49 -3.72
CA SER A 72 -12.49 -7.33 -4.40
C SER A 72 -11.47 -8.38 -3.95
N GLU A 73 -10.61 -8.81 -4.87
CA GLU A 73 -9.59 -9.79 -4.57
C GLU A 73 -8.35 -9.15 -3.95
N THR A 74 -8.31 -7.82 -3.93
CA THR A 74 -7.15 -7.13 -3.39
C THR A 74 -7.43 -6.46 -2.05
N PHE A 75 -8.58 -6.75 -1.47
CA PHE A 75 -8.87 -6.28 -0.11
C PHE A 75 -9.24 -7.44 0.81
N ILE A 76 -8.67 -7.42 2.01
CA ILE A 76 -8.92 -8.45 3.01
C ILE A 76 -9.37 -7.83 4.32
N ALA A 77 -10.50 -8.29 4.83
CA ALA A 77 -10.97 -7.87 6.12
C ALA A 77 -11.14 -9.08 7.03
N LEU A 78 -10.33 -9.15 8.07
CA LEU A 78 -10.47 -10.19 9.10
C LEU A 78 -11.02 -9.59 10.38
N ALA A 79 -11.70 -10.42 11.17
CA ALA A 79 -12.27 -9.95 12.42
C ALA A 79 -12.41 -11.06 13.45
N ALA A 80 -12.50 -10.67 14.71
CA ALA A 80 -12.84 -11.58 15.79
C ALA A 80 -14.01 -11.00 16.58
N PHE A 81 -14.97 -11.85 16.92
CA PHE A 81 -16.16 -11.43 17.64
C PHE A 81 -16.31 -12.22 18.93
N ASP A 82 -16.88 -11.57 19.96
CA ASP A 82 -17.22 -12.23 21.21
C ASP A 82 -18.59 -11.74 21.66
N ARG A 83 -19.56 -12.63 21.62
CA ARG A 83 -20.94 -12.32 22.00
C ARG A 83 -21.47 -11.12 21.23
N GLY A 84 -21.26 -11.11 19.92
CA GLY A 84 -21.80 -10.07 19.07
C GLY A 84 -20.95 -8.81 19.00
N THR A 85 -20.02 -8.68 19.94
CA THR A 85 -19.16 -7.52 20.00
C THR A 85 -17.86 -7.77 19.24
N ALA A 86 -17.49 -6.84 18.36
CA ALA A 86 -16.23 -6.93 17.63
C ALA A 86 -15.08 -6.64 18.58
N ILE A 87 -14.19 -7.62 18.74
CA ILE A 87 -13.06 -7.50 19.66
C ILE A 87 -11.73 -7.43 18.92
N GLY A 88 -11.76 -7.77 17.64
CA GLY A 88 -10.56 -7.71 16.82
C GLY A 88 -10.92 -7.38 15.39
N GLY A 89 -10.04 -6.64 14.71
CA GLY A 89 -10.24 -6.26 13.33
C GLY A 89 -8.93 -6.07 12.58
N LEU A 90 -8.89 -6.54 11.34
CA LEU A 90 -7.71 -6.37 10.49
C LEU A 90 -8.12 -6.02 9.06
N ALA A 91 -7.64 -4.88 8.57
CA ALA A 91 -7.91 -4.47 7.19
C ALA A 91 -6.61 -4.43 6.40
N ALA A 92 -6.56 -5.14 5.26
CA ALA A 92 -5.34 -5.27 4.51
C ALA A 92 -5.55 -5.25 2.99
N TYR A 93 -4.48 -4.90 2.27
CA TYR A 93 -4.52 -4.88 0.81
C TYR A 93 -3.56 -5.90 0.20
N VAL A 94 -3.96 -6.48 -0.91
CA VAL A 94 -3.08 -7.34 -1.69
C VAL A 94 -2.50 -6.52 -2.84
N LEU A 95 -1.18 -6.38 -2.86
CA LEU A 95 -0.52 -5.62 -3.92
C LEU A 95 0.17 -6.55 -4.91
N PRO A 96 -0.48 -6.84 -6.05
CA PRO A 96 0.21 -7.60 -7.09
C PRO A 96 1.35 -6.77 -7.67
N LYS A 97 2.58 -7.28 -7.58
CA LYS A 97 3.76 -6.49 -7.92
C LYS A 97 3.94 -6.32 -9.43
N PHE A 98 4.78 -5.34 -9.79
CA PHE A 98 5.02 -4.99 -11.19
C PHE A 98 6.36 -5.52 -11.67
N GLU A 99 7.31 -5.71 -10.75
CA GLU A 99 8.65 -6.17 -11.10
C GLU A 99 8.66 -7.69 -11.30
N GLN A 100 7.84 -8.40 -10.54
CA GLN A 100 7.73 -9.85 -10.66
C GLN A 100 6.27 -10.29 -10.51
N ALA A 101 5.98 -11.51 -10.95
CA ALA A 101 4.67 -12.10 -10.74
C ALA A 101 4.62 -12.61 -9.31
N ARG A 102 4.40 -11.69 -8.38
CA ARG A 102 4.36 -11.99 -6.96
C ARG A 102 3.44 -11.00 -6.26
N SER A 103 3.03 -11.33 -5.05
CA SER A 103 2.08 -10.49 -4.33
C SER A 103 2.56 -10.19 -2.91
N GLU A 104 2.22 -9.00 -2.43
CA GLU A 104 2.55 -8.61 -1.07
C GLU A 104 1.27 -8.25 -0.32
N ILE A 105 1.19 -8.65 0.94
CA ILE A 105 0.04 -8.31 1.78
C ILE A 105 0.38 -7.13 2.66
N TYR A 106 -0.36 -6.04 2.50
CA TYR A 106 -0.12 -4.85 3.30
C TYR A 106 -1.24 -4.66 4.32
N ILE A 107 -0.91 -4.90 5.59
CA ILE A 107 -1.85 -4.62 6.68
C ILE A 107 -1.98 -3.12 6.88
N TYR A 108 -3.17 -2.57 6.65
CA TYR A 108 -3.35 -1.13 6.82
C TYR A 108 -3.73 -0.79 8.26
N ASP A 109 -4.82 -1.38 8.75
CA ASP A 109 -5.23 -1.15 10.13
C ASP A 109 -5.40 -2.46 10.88
N LEU A 110 -4.94 -2.47 12.13
CA LEU A 110 -5.14 -3.59 13.04
C LEU A 110 -5.51 -3.04 14.42
N ALA A 111 -6.58 -3.56 15.00
CA ALA A 111 -6.96 -3.17 16.36
C ALA A 111 -7.54 -4.33 17.14
N VAL A 112 -7.33 -4.28 18.45
CA VAL A 112 -7.93 -5.20 19.39
C VAL A 112 -8.67 -4.40 20.45
N ALA A 113 -9.91 -4.78 20.74
CA ALA A 113 -10.69 -4.12 21.77
C ALA A 113 -9.90 -4.02 23.07
N SER A 114 -9.98 -2.86 23.72
CA SER A 114 -9.29 -2.64 24.97
C SER A 114 -9.77 -3.61 26.05
N SER A 115 -10.97 -4.15 25.84
CA SER A 115 -11.56 -5.10 26.78
C SER A 115 -11.02 -6.52 26.60
N HIS A 116 -10.28 -6.75 25.51
CA HIS A 116 -9.80 -8.10 25.22
C HIS A 116 -8.31 -8.15 24.86
N ARG A 117 -7.54 -7.21 25.39
CA ARG A 117 -6.11 -7.16 25.10
C ARG A 117 -5.36 -8.33 25.77
N ARG A 118 -4.25 -8.72 25.16
CA ARG A 118 -3.38 -9.78 25.70
C ARG A 118 -4.13 -11.10 25.86
N LEU A 119 -5.07 -11.36 24.97
CA LEU A 119 -5.78 -12.63 24.94
C LEU A 119 -5.42 -13.43 23.69
N GLY A 120 -4.54 -12.90 22.86
CA GLY A 120 -4.14 -13.58 21.64
C GLY A 120 -4.99 -13.22 20.44
N VAL A 121 -5.77 -12.15 20.56
CA VAL A 121 -6.64 -11.73 19.46
C VAL A 121 -5.84 -11.28 18.26
N ALA A 122 -4.86 -10.41 18.49
CA ALA A 122 -4.03 -9.89 17.41
C ALA A 122 -3.24 -11.00 16.75
N THR A 123 -2.69 -11.90 17.56
CA THR A 123 -1.93 -13.03 17.06
C THR A 123 -2.80 -13.92 16.17
N ALA A 124 -4.03 -14.14 16.59
CA ALA A 124 -4.97 -14.97 15.82
C ALA A 124 -5.32 -14.36 14.47
N LEU A 125 -5.53 -13.04 14.43
CA LEU A 125 -5.82 -12.36 13.17
C LEU A 125 -4.68 -12.54 12.19
N ILE A 126 -3.46 -12.29 12.64
CA ILE A 126 -2.28 -12.37 11.79
C ILE A 126 -2.05 -13.81 11.33
N SER A 127 -2.31 -14.77 12.22
CA SER A 127 -2.20 -16.18 11.85
C SER A 127 -3.20 -16.50 10.74
N HIS A 128 -4.43 -16.02 10.89
CA HIS A 128 -5.44 -16.17 9.85
C HIS A 128 -4.97 -15.50 8.55
N LEU A 129 -4.40 -14.31 8.66
CA LEU A 129 -3.92 -13.60 7.47
C LEU A 129 -2.79 -14.38 6.77
N LYS A 130 -1.96 -15.07 7.54
CA LYS A 130 -0.92 -15.92 6.96
C LYS A 130 -1.53 -17.03 6.11
N ARG A 131 -2.62 -17.62 6.58
CA ARG A 131 -3.32 -18.66 5.83
C ARG A 131 -3.86 -18.12 4.51
N VAL A 132 -4.39 -16.90 4.55
CA VAL A 132 -4.89 -16.24 3.35
C VAL A 132 -3.74 -15.93 2.39
N ALA A 133 -2.64 -15.43 2.95
CA ALA A 133 -1.44 -15.12 2.18
C ALA A 133 -0.90 -16.37 1.47
N VAL A 134 -0.90 -17.50 2.17
CA VAL A 134 -0.40 -18.74 1.60
C VAL A 134 -1.27 -19.22 0.45
N GLU A 135 -2.59 -19.21 0.65
CA GLU A 135 -3.50 -19.65 -0.41
C GLU A 135 -3.54 -18.64 -1.58
N LEU A 136 -3.09 -17.41 -1.34
CA LEU A 136 -2.98 -16.43 -2.41
C LEU A 136 -1.62 -16.51 -3.12
N GLY A 137 -0.66 -17.17 -2.48
CA GLY A 137 0.69 -17.26 -3.02
C GLY A 137 1.53 -16.03 -2.72
N ALA A 138 1.02 -15.15 -1.85
CA ALA A 138 1.77 -13.95 -1.43
C ALA A 138 3.01 -14.36 -0.65
N TYR A 139 4.12 -13.67 -0.87
CA TYR A 139 5.39 -14.11 -0.31
C TYR A 139 5.76 -13.35 0.96
N VAL A 140 5.05 -12.26 1.24
CA VAL A 140 5.37 -11.44 2.39
C VAL A 140 4.17 -10.65 2.92
N ILE A 141 4.16 -10.46 4.23
CA ILE A 141 3.19 -9.58 4.88
C ILE A 141 3.95 -8.45 5.55
N TYR A 142 3.48 -7.22 5.41
CA TYR A 142 4.09 -6.15 6.18
C TYR A 142 3.06 -5.16 6.73
N VAL A 143 3.56 -4.29 7.60
CA VAL A 143 2.71 -3.43 8.42
C VAL A 143 3.61 -2.36 9.03
N GLN A 144 3.04 -1.21 9.35
CA GLN A 144 3.81 -0.13 9.95
C GLN A 144 3.26 0.24 11.33
N ALA A 145 4.15 0.63 12.23
CA ALA A 145 3.76 1.07 13.55
C ALA A 145 4.27 2.48 13.82
N ASP A 146 3.48 3.24 14.56
CA ASP A 146 3.88 4.59 14.98
C ASP A 146 4.78 4.50 16.20
N TYR A 147 5.72 5.43 16.33
CA TYR A 147 6.53 5.50 17.52
C TYR A 147 5.65 5.87 18.71
N GLY A 148 5.79 5.12 19.80
CA GLY A 148 4.97 5.35 20.97
C GLY A 148 3.83 4.34 21.09
N ASP A 149 3.49 3.71 19.98
CA ASP A 149 2.48 2.65 19.99
C ASP A 149 3.09 1.37 20.56
N ASP A 150 3.30 1.35 21.87
CA ASP A 150 4.00 0.27 22.56
C ASP A 150 3.47 -1.15 22.27
N PRO A 151 2.14 -1.36 22.30
CA PRO A 151 1.71 -2.73 22.04
C PRO A 151 1.91 -3.18 20.59
N ALA A 152 1.67 -2.29 19.63
CA ALA A 152 1.86 -2.63 18.21
C ALA A 152 3.31 -2.99 17.95
N VAL A 153 4.22 -2.18 18.48
CA VAL A 153 5.65 -2.43 18.34
C VAL A 153 6.02 -3.77 18.95
N ALA A 154 5.49 -4.06 20.13
CA ALA A 154 5.77 -5.31 20.82
C ALA A 154 5.32 -6.52 19.99
N LEU A 155 4.10 -6.45 19.48
CA LEU A 155 3.55 -7.53 18.67
C LEU A 155 4.35 -7.77 17.39
N TYR A 156 4.57 -6.72 16.61
CA TYR A 156 5.22 -6.85 15.31
C TYR A 156 6.71 -7.17 15.44
N THR A 157 7.29 -6.87 16.60
CA THR A 157 8.69 -7.20 16.87
C THR A 157 8.84 -8.71 17.09
N LYS A 158 7.85 -9.29 17.77
CA LYS A 158 7.87 -10.72 18.05
C LYS A 158 7.57 -11.52 16.79
N LEU A 159 6.73 -10.96 15.90
CA LEU A 159 6.26 -11.69 14.73
C LEU A 159 7.06 -11.40 13.47
N GLY A 160 7.81 -10.32 13.46
CA GLY A 160 8.52 -9.93 12.26
C GLY A 160 9.82 -9.19 12.45
N VAL A 161 10.37 -8.69 11.35
CA VAL A 161 11.66 -7.99 11.36
C VAL A 161 11.45 -6.48 11.18
N ARG A 162 12.03 -5.71 12.09
CA ARG A 162 11.81 -4.28 12.13
C ARG A 162 12.79 -3.53 11.22
N GLU A 163 12.25 -2.57 10.47
CA GLU A 163 13.06 -1.63 9.72
C GLU A 163 12.52 -0.22 9.94
N ASP A 164 13.36 0.68 10.43
CA ASP A 164 12.95 2.06 10.66
C ASP A 164 13.02 2.84 9.36
N VAL A 165 11.91 3.47 9.00
CA VAL A 165 11.81 4.19 7.73
C VAL A 165 11.14 5.55 7.89
N MET A 166 11.01 6.26 6.77
CA MET A 166 10.36 7.56 6.75
C MET A 166 9.12 7.54 5.89
N HIS A 167 8.08 8.22 6.36
CA HIS A 167 6.83 8.34 5.62
C HIS A 167 6.56 9.80 5.24
N PHE A 168 6.12 10.02 4.00
CA PHE A 168 5.82 11.36 3.53
C PHE A 168 4.41 11.43 2.99
N ASP A 169 3.63 12.40 3.46
CA ASP A 169 2.30 12.67 2.91
C ASP A 169 2.37 13.84 1.92
N ILE A 170 1.81 13.64 0.73
CA ILE A 170 1.84 14.67 -0.31
C ILE A 170 0.43 15.10 -0.72
N ASP A 171 0.19 16.40 -0.70
CA ASP A 171 -1.10 16.97 -1.05
C ASP A 171 -1.19 17.10 -2.57
N PRO A 172 -2.16 16.40 -3.19
CA PRO A 172 -2.30 16.39 -4.65
C PRO A 172 -2.89 17.67 -5.23
N ARG A 173 -3.46 18.52 -4.37
CA ARG A 173 -4.10 19.74 -4.83
C ARG A 173 -3.13 20.92 -4.92
N THR A 174 -2.02 20.81 -4.20
CA THR A 174 -1.03 21.89 -4.18
C THR A 174 -0.09 21.81 -5.38
N ALA A 175 0.49 22.95 -5.75
CA ALA A 175 1.44 23.00 -6.85
C ALA A 175 2.75 22.33 -6.46
N THR A 176 3.50 21.87 -7.46
CA THR A 176 4.73 21.14 -7.20
C THR A 176 5.95 21.95 -7.62
N SER B 22 0.19 11.45 -20.10
CA SER B 22 -0.45 12.53 -20.85
C SER B 22 -0.12 13.90 -20.29
N MET B 23 1.16 14.26 -20.30
CA MET B 23 1.62 15.55 -19.82
C MET B 23 2.97 15.96 -20.37
N SER B 24 3.14 17.25 -20.61
CA SER B 24 4.37 17.78 -21.20
C SER B 24 5.26 18.42 -20.14
N ILE B 25 6.38 17.88 -19.72
CA ILE B 25 7.13 18.67 -18.74
C ILE B 25 8.51 18.62 -19.32
N ILE B 26 9.00 17.41 -19.19
CA ILE B 26 10.20 16.84 -19.73
C ILE B 26 9.61 15.45 -19.97
N ALA B 27 8.44 15.41 -20.61
CA ALA B 27 7.76 14.32 -21.22
C ALA B 27 6.92 13.15 -20.69
N THR B 28 6.26 13.32 -19.54
CA THR B 28 5.74 12.18 -18.77
C THR B 28 4.48 11.57 -19.40
N VAL B 29 4.35 10.26 -19.27
CA VAL B 29 3.19 9.57 -19.83
C VAL B 29 2.68 8.52 -18.83
N LYS B 30 1.40 8.18 -18.93
CA LYS B 30 0.85 7.06 -18.16
C LYS B 30 0.82 5.81 -19.02
N ILE B 31 1.56 4.79 -18.60
CA ILE B 31 1.69 3.55 -19.37
C ILE B 31 0.39 2.76 -19.41
N GLY B 32 -0.04 2.38 -20.61
CA GLY B 32 -1.22 1.55 -20.79
C GLY B 32 -0.86 0.09 -21.01
N PRO B 33 -1.87 -0.77 -21.15
CA PRO B 33 -1.66 -2.22 -21.32
C PRO B 33 -1.07 -2.61 -22.67
N ASP B 34 -1.10 -1.69 -23.63
CA ASP B 34 -0.54 -1.97 -24.96
C ASP B 34 0.88 -1.42 -25.08
N GLU B 35 1.49 -1.11 -23.94
CA GLU B 35 2.83 -0.54 -23.93
C GLU B 35 3.76 -1.31 -23.01
N ILE B 36 3.79 -2.62 -23.20
CA ILE B 36 4.58 -3.50 -22.35
C ILE B 36 6.07 -3.17 -22.42
N SER B 37 6.56 -2.87 -23.62
CA SER B 37 7.98 -2.56 -23.80
C SER B 37 8.41 -1.39 -22.91
N ALA B 38 7.58 -0.34 -22.88
CA ALA B 38 7.83 0.81 -22.04
C ALA B 38 7.87 0.39 -20.57
N MET B 39 6.94 -0.47 -20.19
CA MET B 39 6.86 -0.94 -18.81
C MET B 39 8.12 -1.69 -18.40
N ARG B 40 8.59 -2.58 -19.26
CA ARG B 40 9.80 -3.34 -18.98
C ARG B 40 11.00 -2.41 -18.89
N ALA B 41 10.99 -1.37 -19.72
CA ALA B 41 12.06 -0.38 -19.69
C ALA B 41 12.10 0.32 -18.34
N VAL B 42 10.92 0.71 -17.86
CA VAL B 42 10.79 1.28 -16.53
C VAL B 42 11.33 0.32 -15.47
N LEU B 43 10.94 -0.94 -15.57
CA LEU B 43 11.43 -1.97 -14.66
C LEU B 43 12.96 -2.05 -14.69
N ASP B 44 13.52 -2.11 -15.90
CA ASP B 44 14.97 -2.16 -16.07
C ASP B 44 15.66 -0.94 -15.43
N LEU B 45 15.04 0.23 -15.58
CA LEU B 45 15.58 1.45 -14.99
C LEU B 45 15.65 1.34 -13.47
N PHE B 46 14.56 0.86 -12.86
CA PHE B 46 14.52 0.58 -11.43
C PHE B 46 15.71 -0.28 -11.01
N GLY B 47 15.92 -1.39 -11.70
CA GLY B 47 16.99 -2.32 -11.39
C GLY B 47 18.37 -1.69 -11.38
N LYS B 48 18.66 -0.87 -12.38
CA LYS B 48 19.94 -0.20 -12.44
C LYS B 48 20.09 0.85 -11.33
N GLU B 49 19.08 1.69 -11.17
CA GLU B 49 19.17 2.81 -10.23
C GLU B 49 19.08 2.35 -8.77
N PHE B 50 18.39 1.24 -8.53
CA PHE B 50 18.30 0.67 -7.19
C PHE B 50 19.46 -0.29 -6.96
N GLU B 51 20.28 -0.50 -7.99
CA GLU B 51 21.38 -1.46 -7.94
C GLU B 51 20.87 -2.83 -7.52
N ASP B 52 19.79 -3.25 -8.15
CA ASP B 52 19.19 -4.57 -7.90
C ASP B 52 18.65 -5.14 -9.21
N ILE B 53 19.54 -5.45 -10.12
CA ILE B 53 19.18 -5.92 -11.46
C ILE B 53 18.37 -7.23 -11.49
N PRO B 54 18.78 -8.26 -10.71
CA PRO B 54 17.98 -9.48 -10.78
C PRO B 54 16.53 -9.28 -10.36
N THR B 55 16.30 -8.48 -9.33
CA THR B 55 14.95 -8.26 -8.83
C THR B 55 14.05 -7.63 -9.87
N TYR B 56 14.58 -6.66 -10.63
CA TYR B 56 13.77 -5.87 -11.54
C TYR B 56 13.89 -6.24 -13.03
N SER B 57 14.98 -6.90 -13.43
CA SER B 57 15.19 -7.22 -14.85
C SER B 57 15.12 -8.71 -15.18
N ASP B 58 15.66 -9.54 -14.28
CA ASP B 58 15.83 -10.97 -14.56
C ASP B 58 14.64 -11.84 -14.19
N ARG B 59 13.62 -11.27 -13.55
CA ARG B 59 12.48 -12.05 -13.07
C ARG B 59 11.15 -11.39 -13.44
N GLN B 60 11.10 -10.79 -14.62
CA GLN B 60 9.95 -9.99 -15.01
C GLN B 60 8.75 -10.86 -15.39
N PRO B 61 7.53 -10.36 -15.17
CA PRO B 61 6.29 -11.06 -15.51
C PRO B 61 6.08 -11.27 -17.00
N THR B 62 5.07 -12.08 -17.33
CA THR B 62 4.68 -12.30 -18.71
C THR B 62 4.06 -11.04 -19.32
N ASN B 63 3.93 -11.03 -20.64
CA ASN B 63 3.23 -9.94 -21.32
C ASN B 63 1.80 -9.81 -20.82
N GLU B 64 1.16 -10.96 -20.64
CA GLU B 64 -0.23 -11.01 -20.17
C GLU B 64 -0.38 -10.43 -18.77
N TYR B 65 0.52 -10.81 -17.86
CA TYR B 65 0.47 -10.32 -16.48
C TYR B 65 0.58 -8.80 -16.44
N LEU B 66 1.57 -8.26 -17.13
CA LEU B 66 1.78 -6.83 -17.18
C LEU B 66 0.59 -6.13 -17.84
N ALA B 67 0.02 -6.74 -18.87
CA ALA B 67 -1.12 -6.14 -19.55
C ALA B 67 -2.33 -6.06 -18.63
N ASN B 68 -2.57 -7.14 -17.88
CA ASN B 68 -3.67 -7.17 -16.91
C ASN B 68 -3.46 -6.20 -15.77
N LEU B 69 -2.24 -6.17 -15.22
CA LEU B 69 -1.90 -5.24 -14.16
C LEU B 69 -2.04 -3.79 -14.62
N LEU B 70 -1.58 -3.49 -15.83
CA LEU B 70 -1.68 -2.13 -16.36
C LEU B 70 -3.13 -1.74 -16.68
N HIS B 71 -3.97 -2.74 -16.92
CA HIS B 71 -5.37 -2.52 -17.22
C HIS B 71 -6.14 -2.21 -15.93
N SER B 72 -5.58 -2.61 -14.80
CA SER B 72 -6.22 -2.44 -13.50
C SER B 72 -6.40 -0.97 -13.12
N GLU B 73 -7.47 -0.69 -12.38
CA GLU B 73 -7.76 0.66 -11.93
C GLU B 73 -6.98 1.03 -10.67
N THR B 74 -6.40 0.03 -10.02
CA THR B 74 -5.71 0.25 -8.76
C THR B 74 -4.18 0.23 -8.92
N PHE B 75 -3.70 0.25 -10.15
CA PHE B 75 -2.27 0.37 -10.42
C PHE B 75 -1.98 1.50 -11.39
N ILE B 76 -0.93 2.26 -11.10
CA ILE B 76 -0.51 3.37 -11.94
C ILE B 76 0.95 3.23 -12.28
N ALA B 77 1.27 3.34 -13.56
CA ALA B 77 2.66 3.37 -14.00
C ALA B 77 2.91 4.62 -14.82
N LEU B 78 3.80 5.48 -14.31
CA LEU B 78 4.18 6.69 -15.02
C LEU B 78 5.62 6.58 -15.52
N ALA B 79 5.88 7.12 -16.70
CA ALA B 79 7.23 7.09 -17.26
C ALA B 79 7.62 8.42 -17.90
N ALA B 80 8.89 8.79 -17.73
CA ALA B 80 9.44 9.95 -18.41
C ALA B 80 10.40 9.50 -19.50
N PHE B 81 10.20 10.03 -20.70
CA PHE B 81 11.06 9.71 -21.82
C PHE B 81 11.77 10.93 -22.35
N ASP B 82 13.05 10.76 -22.67
CA ASP B 82 13.85 11.83 -23.21
C ASP B 82 14.00 11.65 -24.73
N ARG B 83 14.18 10.40 -25.13
CA ARG B 83 14.49 10.10 -26.51
C ARG B 83 13.89 8.78 -26.92
N GLY B 84 12.73 8.45 -26.37
CA GLY B 84 12.24 7.10 -26.52
C GLY B 84 12.98 6.25 -25.52
N THR B 85 13.89 6.88 -24.79
CA THR B 85 14.64 6.23 -23.73
C THR B 85 14.07 6.58 -22.37
N ALA B 86 13.73 5.56 -21.59
CA ALA B 86 13.21 5.77 -20.24
C ALA B 86 14.27 6.45 -19.38
N ILE B 87 13.90 7.58 -18.78
CA ILE B 87 14.82 8.32 -17.92
C ILE B 87 14.19 8.56 -16.55
N GLY B 88 12.91 8.20 -16.43
CA GLY B 88 12.21 8.27 -15.16
C GLY B 88 11.08 7.27 -15.10
N GLY B 89 10.73 6.83 -13.89
CA GLY B 89 9.63 5.91 -13.69
C GLY B 89 8.97 6.03 -12.33
N LEU B 90 7.66 5.83 -12.29
CA LEU B 90 6.89 5.86 -11.05
C LEU B 90 5.82 4.76 -11.07
N ALA B 91 5.89 3.87 -10.10
CA ALA B 91 4.90 2.78 -9.98
C ALA B 91 4.14 2.96 -8.68
N ALA B 92 2.83 3.04 -8.78
CA ALA B 92 2.01 3.32 -7.59
C ALA B 92 0.73 2.51 -7.56
N TYR B 93 0.18 2.37 -6.37
CA TYR B 93 -1.09 1.66 -6.16
C TYR B 93 -2.17 2.63 -5.69
N VAL B 94 -3.40 2.41 -6.13
CA VAL B 94 -4.54 3.16 -5.63
C VAL B 94 -5.27 2.32 -4.58
N LEU B 95 -5.32 2.81 -3.35
CA LEU B 95 -5.96 2.10 -2.26
C LEU B 95 -7.34 2.69 -1.96
N PRO B 96 -8.41 2.08 -2.49
CA PRO B 96 -9.75 2.52 -2.12
C PRO B 96 -10.02 2.13 -0.67
N LYS B 97 -10.30 3.12 0.17
CA LYS B 97 -10.32 2.92 1.61
C LYS B 97 -11.61 2.24 2.09
N PHE B 98 -11.58 1.80 3.34
CA PHE B 98 -12.64 0.99 3.91
C PHE B 98 -13.44 1.79 4.94
N GLU B 99 -12.76 2.72 5.60
CA GLU B 99 -13.40 3.53 6.63
C GLU B 99 -14.29 4.59 6.01
N GLN B 100 -13.94 5.04 4.80
CA GLN B 100 -14.70 6.04 4.07
C GLN B 100 -14.62 5.81 2.56
N ALA B 101 -15.54 6.43 1.82
CA ALA B 101 -15.47 6.41 0.36
C ALA B 101 -14.41 7.40 -0.12
N ARG B 102 -13.15 7.06 0.07
CA ARG B 102 -12.04 7.89 -0.39
C ARG B 102 -10.90 6.98 -0.84
N SER B 103 -9.94 7.56 -1.56
CA SER B 103 -8.83 6.78 -2.10
C SER B 103 -7.48 7.39 -1.76
N GLU B 104 -6.49 6.53 -1.55
CA GLU B 104 -5.13 6.99 -1.31
C GLU B 104 -4.22 6.44 -2.38
N ILE B 105 -3.28 7.25 -2.82
CA ILE B 105 -2.31 6.77 -3.81
C ILE B 105 -0.96 6.53 -3.15
N TYR B 106 -0.52 5.28 -3.19
CA TYR B 106 0.76 4.91 -2.59
C TYR B 106 1.84 4.74 -3.65
N ILE B 107 2.86 5.59 -3.60
CA ILE B 107 4.02 5.45 -4.46
C ILE B 107 4.92 4.34 -3.93
N TYR B 108 5.08 3.28 -4.72
CA TYR B 108 5.90 2.14 -4.29
C TYR B 108 7.36 2.35 -4.67
N ASP B 109 7.61 2.56 -5.97
CA ASP B 109 8.97 2.80 -6.46
C ASP B 109 9.02 4.04 -7.35
N LEU B 110 10.09 4.82 -7.19
CA LEU B 110 10.36 5.96 -8.04
C LEU B 110 11.86 6.04 -8.30
N ALA B 111 12.24 6.18 -9.56
CA ALA B 111 13.66 6.31 -9.91
C ALA B 111 13.87 7.25 -11.09
N VAL B 112 15.02 7.91 -11.09
CA VAL B 112 15.43 8.78 -12.18
C VAL B 112 16.79 8.33 -12.68
N ALA B 113 16.95 8.27 -14.00
CA ALA B 113 18.23 7.91 -14.61
C ALA B 113 19.33 8.84 -14.09
N SER B 114 20.45 8.26 -13.68
CA SER B 114 21.60 9.02 -13.20
C SER B 114 22.05 10.06 -14.23
N SER B 115 21.78 9.78 -15.50
CA SER B 115 22.13 10.69 -16.59
C SER B 115 21.24 11.91 -16.62
N HIS B 116 20.13 11.88 -15.91
CA HIS B 116 19.16 12.96 -15.93
C HIS B 116 18.79 13.43 -14.52
N ARG B 117 19.76 13.41 -13.62
CA ARG B 117 19.53 13.78 -12.23
C ARG B 117 19.49 15.30 -12.08
N ARG B 118 18.78 15.76 -11.04
CA ARG B 118 18.67 17.19 -10.75
C ARG B 118 18.20 18.00 -11.95
N LEU B 119 17.23 17.46 -12.68
CA LEU B 119 16.68 18.14 -13.83
C LEU B 119 15.16 18.33 -13.69
N GLY B 120 14.61 17.93 -12.55
CA GLY B 120 13.19 18.07 -12.31
C GLY B 120 12.37 16.87 -12.76
N VAL B 121 13.05 15.78 -13.08
CA VAL B 121 12.40 14.57 -13.57
C VAL B 121 11.46 13.97 -12.53
N ALA B 122 11.96 13.79 -11.31
CA ALA B 122 11.14 13.22 -10.24
C ALA B 122 9.96 14.13 -9.92
N THR B 123 10.23 15.43 -9.85
CA THR B 123 9.20 16.43 -9.59
C THR B 123 8.11 16.39 -10.67
N ALA B 124 8.53 16.15 -11.90
CA ALA B 124 7.64 16.03 -13.05
C ALA B 124 6.66 14.88 -12.90
N LEU B 125 7.21 13.69 -12.65
CA LEU B 125 6.41 12.49 -12.45
C LEU B 125 5.40 12.66 -11.31
N ILE B 126 5.86 13.23 -10.21
CA ILE B 126 5.01 13.45 -9.05
C ILE B 126 3.94 14.51 -9.35
N SER B 127 4.31 15.53 -10.10
CA SER B 127 3.34 16.52 -10.56
C SER B 127 2.29 15.84 -11.43
N HIS B 128 2.73 14.91 -12.28
CA HIS B 128 1.81 14.15 -13.11
C HIS B 128 0.91 13.25 -12.25
N LEU B 129 1.49 12.66 -11.22
CA LEU B 129 0.72 11.82 -10.30
C LEU B 129 -0.37 12.61 -9.58
N LYS B 130 -0.08 13.87 -9.24
CA LYS B 130 -1.07 14.74 -8.61
C LYS B 130 -2.30 14.90 -9.49
N ARG B 131 -2.06 15.11 -10.78
CA ARG B 131 -3.14 15.21 -11.76
C ARG B 131 -4.00 13.95 -11.76
N VAL B 132 -3.34 12.79 -11.81
CA VAL B 132 -4.04 11.52 -11.76
C VAL B 132 -4.85 11.39 -10.46
N ALA B 133 -4.24 11.80 -9.35
CA ALA B 133 -4.90 11.77 -8.05
C ALA B 133 -6.18 12.60 -8.04
N VAL B 134 -6.08 13.84 -8.51
CA VAL B 134 -7.24 14.73 -8.60
C VAL B 134 -8.32 14.13 -9.49
N GLU B 135 -7.89 13.61 -10.64
CA GLU B 135 -8.80 12.97 -11.59
C GLU B 135 -9.51 11.75 -10.97
N LEU B 136 -8.79 10.97 -10.18
CA LEU B 136 -9.36 9.81 -9.52
C LEU B 136 -10.22 10.22 -8.33
N GLY B 137 -9.89 11.36 -7.73
CA GLY B 137 -10.58 11.82 -6.54
C GLY B 137 -9.85 11.41 -5.27
N ALA B 138 -8.63 10.91 -5.43
CA ALA B 138 -7.80 10.51 -4.30
C ALA B 138 -7.37 11.74 -3.51
N TYR B 139 -7.51 11.69 -2.19
CA TYR B 139 -7.28 12.88 -1.37
C TYR B 139 -5.82 13.02 -0.91
N VAL B 140 -5.02 11.96 -1.04
CA VAL B 140 -3.65 12.03 -0.58
C VAL B 140 -2.73 11.09 -1.36
N ILE B 141 -1.47 11.49 -1.49
CA ILE B 141 -0.42 10.64 -2.04
C ILE B 141 0.64 10.45 -0.97
N TYR B 142 1.10 9.22 -0.76
CA TYR B 142 2.19 9.04 0.19
C TYR B 142 3.25 8.07 -0.30
N VAL B 143 4.42 8.17 0.31
CA VAL B 143 5.58 7.42 -0.16
C VAL B 143 6.52 7.19 1.02
N GLN B 144 7.23 6.06 0.97
CA GLN B 144 8.19 5.70 2.00
C GLN B 144 9.60 5.91 1.49
N ALA B 145 10.53 6.20 2.39
CA ALA B 145 11.93 6.33 2.01
C ALA B 145 12.83 5.79 3.12
N ASP B 146 14.01 5.31 2.73
CA ASP B 146 14.97 4.76 3.69
C ASP B 146 15.97 5.82 4.14
N TYR B 147 16.51 5.66 5.34
CA TYR B 147 17.59 6.53 5.80
C TYR B 147 18.84 6.29 4.96
N GLY B 148 19.45 7.37 4.48
CA GLY B 148 20.65 7.27 3.68
C GLY B 148 20.40 7.60 2.23
N ASP B 149 19.18 7.37 1.78
CA ASP B 149 18.78 7.71 0.41
C ASP B 149 18.61 9.22 0.29
N ASP B 150 19.73 9.92 0.34
CA ASP B 150 19.74 11.39 0.37
C ASP B 150 18.84 12.09 -0.66
N PRO B 151 18.90 11.67 -1.95
CA PRO B 151 18.07 12.42 -2.90
C PRO B 151 16.56 12.22 -2.71
N ALA B 152 16.14 11.03 -2.30
CA ALA B 152 14.72 10.77 -2.08
C ALA B 152 14.21 11.57 -0.88
N VAL B 153 14.97 11.53 0.22
CA VAL B 153 14.60 12.26 1.43
C VAL B 153 14.50 13.75 1.17
N ALA B 154 15.48 14.29 0.45
CA ALA B 154 15.51 15.71 0.11
C ALA B 154 14.29 16.12 -0.72
N LEU B 155 13.99 15.31 -1.73
CA LEU B 155 12.85 15.56 -2.60
C LEU B 155 11.54 15.53 -1.83
N TYR B 156 11.30 14.42 -1.14
CA TYR B 156 10.06 14.22 -0.40
C TYR B 156 9.86 15.21 0.75
N THR B 157 10.96 15.68 1.33
CA THR B 157 10.88 16.67 2.40
C THR B 157 10.39 18.00 1.84
N LYS B 158 10.72 18.28 0.58
CA LYS B 158 10.24 19.51 -0.06
C LYS B 158 8.78 19.41 -0.51
N LEU B 159 8.36 18.22 -0.93
CA LEU B 159 7.04 18.07 -1.55
C LEU B 159 5.92 17.71 -0.57
N GLY B 160 6.28 17.30 0.65
CA GLY B 160 5.27 16.89 1.61
C GLY B 160 5.71 16.85 3.06
N VAL B 161 4.83 16.29 3.90
CA VAL B 161 5.05 16.26 5.34
C VAL B 161 5.65 14.92 5.76
N ARG B 162 6.71 14.97 6.56
CA ARG B 162 7.44 13.77 6.92
C ARG B 162 7.06 13.26 8.31
N GLU B 163 6.98 11.94 8.43
CA GLU B 163 6.74 11.29 9.71
C GLU B 163 7.53 9.99 9.80
N ASP B 164 8.28 9.85 10.89
CA ASP B 164 9.09 8.66 11.09
C ASP B 164 8.22 7.50 11.59
N VAL B 165 8.36 6.34 10.95
CA VAL B 165 7.61 5.17 11.35
C VAL B 165 8.50 3.93 11.34
N MET B 166 7.95 2.82 11.83
CA MET B 166 8.65 1.54 11.81
C MET B 166 7.98 0.58 10.84
N HIS B 167 8.78 -0.03 9.98
CA HIS B 167 8.28 -1.04 9.05
C HIS B 167 8.62 -2.44 9.54
N PHE B 168 7.65 -3.35 9.47
CA PHE B 168 7.86 -4.73 9.90
C PHE B 168 7.53 -5.72 8.79
N ASP B 169 8.44 -6.64 8.52
CA ASP B 169 8.19 -7.71 7.54
C ASP B 169 7.82 -9.02 8.24
N ILE B 170 6.75 -9.66 7.77
CA ILE B 170 6.28 -10.89 8.37
C ILE B 170 6.21 -12.04 7.35
N ASP B 171 6.89 -13.14 7.65
CA ASP B 171 6.89 -14.31 6.79
C ASP B 171 5.62 -15.13 6.99
N PRO B 172 4.84 -15.29 5.91
CA PRO B 172 3.58 -16.05 5.99
C PRO B 172 3.76 -17.57 6.12
N ARG B 173 4.99 -18.06 5.98
CA ARG B 173 5.25 -19.50 6.02
C ARG B 173 5.66 -19.98 7.42
N THR B 174 5.89 -19.05 8.33
CA THR B 174 6.30 -19.41 9.69
C THR B 174 5.11 -19.40 10.66
N ALA B 175 5.23 -20.11 11.77
CA ALA B 175 4.18 -20.14 12.78
C ALA B 175 4.20 -18.86 13.60
N THR B 176 3.05 -18.53 14.19
CA THR B 176 2.92 -17.31 14.99
C THR B 176 3.06 -17.61 16.48
S SO4 C . -2.39 -10.35 21.28
O1 SO4 C . -2.19 -11.45 20.34
O2 SO4 C . -3.60 -9.62 20.94
O3 SO4 C . -2.52 -10.90 22.64
O4 SO4 C . -1.23 -9.46 21.22
S SO4 D . -14.48 0.10 -4.42
O1 SO4 D . -15.15 0.04 -5.72
O2 SO4 D . -15.48 0.16 -3.36
O3 SO4 D . -13.64 1.30 -4.37
O4 SO4 D . -13.65 -1.09 -4.25
S SO4 E . 1.13 -15.31 -7.16
O1 SO4 E . 1.23 -16.76 -7.25
O2 SO4 E . -0.29 -14.93 -7.11
O3 SO4 E . 1.78 -14.85 -5.92
O4 SO4 E . 1.77 -14.69 -8.30
S SO4 F . -2.56 -4.52 19.16
O1 SO4 F . -2.45 -5.88 19.67
O2 SO4 F . -3.45 -4.50 18.00
O3 SO4 F . -3.10 -3.64 20.20
O4 SO4 F . -1.23 -4.05 18.76
S SO4 G . 14.33 16.00 -9.42
O1 SO4 G . 14.59 14.78 -10.16
O2 SO4 G . 12.92 16.38 -9.58
O3 SO4 G . 14.61 15.79 -7.99
O4 SO4 G . 15.18 17.07 -9.92
S SO4 H . -13.41 8.31 -4.70
O1 SO4 H . -14.55 7.44 -4.44
O2 SO4 H . -13.02 8.19 -6.09
O3 SO4 H . -12.29 7.91 -3.84
O4 SO4 H . -13.77 9.70 -4.40
S SO4 I . 14.96 10.31 -7.01
O1 SO4 I . 14.09 9.14 -7.05
O2 SO4 I . 14.28 11.45 -7.62
O3 SO4 I . 15.31 10.63 -5.64
O4 SO4 I . 16.18 10.03 -7.78
#